data_7MO3
#
_entry.id   7MO3
#
_cell.length_a   68.970
_cell.length_b   62.550
_cell.length_c   70.650
_cell.angle_alpha   90.000
_cell.angle_beta   105.120
_cell.angle_gamma   90.000
#
_symmetry.space_group_name_H-M   'P 1 21 1'
#
loop_
_entity.id
_entity.type
_entity.pdbx_description
1 polymer 'GTP-binding nuclear protein Ran'
2 polymer 'Nuclear pore complex protein Nup153'
3 non-polymer "GUANOSINE-5'-DIPHOSPHATE"
4 non-polymer 'MAGNESIUM ION'
5 non-polymer 'ZINC ION'
6 water water
#
loop_
_entity_poly.entity_id
_entity_poly.type
_entity_poly.pdbx_seq_one_letter_code
_entity_poly.pdbx_strand_id
1 'polypeptide(L)'
;SMAAQGEPQVQFKLVLVGDGGTGKTTFVKRHLTGESEKKYVATLGVEVHPLVFHTNRGPIKFNVWDTAGQEKFGGLRDGY
YIQAQCAIIMFDVTSRVTYKNVPNWHRDLVRVCENIPIVLCGNKVDIKDRKVKAKSIVFHRKKNLQYYDISAKSNYNFEK
PFLWLARKLIGDPNLEFVAMPALAPPEVVMDPALAAQYEHDLEVAQTTALPDEDDDL
;
A,C
2 'polypeptide(L)' GPLGSGFGDKFKRPVGSWECPVCCVSNKAEDSRCVSCTSEKP B,D
#
loop_
_chem_comp.id
_chem_comp.type
_chem_comp.name
_chem_comp.formula
GDP RNA linking GUANOSINE-5'-DIPHOSPHATE 'C10 H15 N5 O11 P2'
MG non-polymer 'MAGNESIUM ION' 'Mg 2'
ZN non-polymer 'ZINC ION' 'Zn 2'
#
# COMPACT_ATOMS: atom_id res chain seq x y z
N PRO A 8 2.64 16.55 7.60
CA PRO A 8 1.66 15.76 8.37
C PRO A 8 0.63 15.08 7.49
N GLN A 9 0.26 13.86 7.84
CA GLN A 9 -0.70 13.08 7.06
C GLN A 9 -2.09 13.14 7.69
N VAL A 10 -3.11 13.02 6.85
CA VAL A 10 -4.49 12.96 7.32
C VAL A 10 -4.74 11.53 7.83
N GLN A 11 -4.90 11.38 9.13
CA GLN A 11 -5.07 10.06 9.73
C GLN A 11 -6.04 10.16 10.90
N PHE A 12 -6.70 9.03 11.17
CA PHE A 12 -7.76 8.97 12.17
C PHE A 12 -7.60 7.73 13.02
N LYS A 13 -7.75 7.88 14.34
CA LYS A 13 -7.81 6.73 15.22
C LYS A 13 -9.20 6.09 15.10
N LEU A 14 -9.21 4.83 14.71
CA LEU A 14 -10.42 4.03 14.56
C LEU A 14 -10.33 2.88 15.54
N VAL A 15 -11.26 2.84 16.49
CA VAL A 15 -11.31 1.70 17.40
C VAL A 15 -12.25 0.64 16.82
N LEU A 16 -11.81 -0.60 16.88
CA LEU A 16 -12.52 -1.76 16.32
C LEU A 16 -12.93 -2.62 17.51
N VAL A 17 -14.22 -2.57 17.88
CA VAL A 17 -14.66 -3.23 19.10
C VAL A 17 -15.81 -4.17 18.77
N GLY A 18 -16.07 -5.07 19.71
CA GLY A 18 -17.03 -6.14 19.54
C GLY A 18 -16.58 -7.37 20.29
N ASP A 19 -17.53 -8.28 20.50
CA ASP A 19 -17.25 -9.47 21.28
C ASP A 19 -16.08 -10.25 20.69
N GLY A 20 -15.45 -11.05 21.55
CA GLY A 20 -14.40 -11.94 21.07
C GLY A 20 -14.99 -12.98 20.14
N GLY A 21 -14.19 -13.36 19.12
CA GLY A 21 -14.59 -14.35 18.16
C GLY A 21 -15.47 -13.83 17.03
N THR A 22 -15.74 -12.52 16.99
CA THR A 22 -16.57 -11.97 15.93
C THR A 22 -15.79 -11.74 14.63
N GLY A 23 -14.46 -11.76 14.68
CA GLY A 23 -13.64 -11.60 13.51
C GLY A 23 -12.91 -10.27 13.36
N LYS A 24 -12.71 -9.52 14.45
CA LYS A 24 -12.08 -8.21 14.35
C LYS A 24 -10.66 -8.33 13.81
N THR A 25 -9.87 -9.24 14.37
CA THR A 25 -8.48 -9.39 13.95
C THR A 25 -8.39 -9.81 12.48
N THR A 26 -9.15 -10.83 12.09
CA THR A 26 -9.17 -11.28 10.70
C THR A 26 -9.49 -10.12 9.77
N PHE A 27 -10.56 -9.38 10.10
CA PHE A 27 -11.01 -8.27 9.27
C PHE A 27 -9.91 -7.23 9.10
N VAL A 28 -9.34 -6.76 10.21
CA VAL A 28 -8.32 -5.73 10.06
C VAL A 28 -7.13 -6.28 9.28
N LYS A 29 -6.81 -7.56 9.47
CA LYS A 29 -5.67 -8.17 8.81
C LYS A 29 -5.83 -8.31 7.31
N ARG A 30 -7.05 -8.19 6.78
CA ARG A 30 -7.18 -8.26 5.32
C ARG A 30 -6.27 -7.25 4.61
N HIS A 31 -6.05 -6.08 5.21
CA HIS A 31 -5.27 -5.01 4.59
C HIS A 31 -3.78 -5.30 4.76
N LEU A 32 -3.12 -5.67 3.66
CA LEU A 32 -1.80 -6.29 3.78
C LEU A 32 -0.75 -5.34 4.33
N THR A 33 -0.72 -4.09 3.84
CA THR A 33 0.28 -3.15 4.34
C THR A 33 -0.03 -2.74 5.78
N GLY A 34 -1.31 -2.63 6.13
CA GLY A 34 -1.65 -2.39 7.52
C GLY A 34 -1.11 -3.48 8.44
N GLU A 35 -1.09 -4.72 7.96
CA GLU A 35 -0.55 -5.83 8.75
C GLU A 35 0.97 -5.79 8.79
N SER A 36 1.62 -5.49 7.67
CA SER A 36 3.08 -5.52 7.66
C SER A 36 3.68 -4.36 8.44
N GLU A 37 2.95 -3.24 8.57
CA GLU A 37 3.45 -2.04 9.23
C GLU A 37 2.73 -1.74 10.54
N LYS A 38 2.09 -2.74 11.13
CA LYS A 38 1.36 -2.52 12.38
C LYS A 38 2.33 -2.25 13.52
N LYS A 39 1.86 -1.47 14.49
CA LYS A 39 2.67 -1.02 15.62
C LYS A 39 2.11 -1.61 16.91
N TYR A 40 2.96 -2.25 17.69
CA TYR A 40 2.53 -2.87 18.93
C TYR A 40 2.62 -1.85 20.07
N VAL A 41 1.52 -1.70 20.81
CA VAL A 41 1.43 -0.83 21.97
C VAL A 41 1.40 -1.74 23.19
N ALA A 42 2.54 -1.84 23.88
CA ALA A 42 2.69 -2.82 24.94
C ALA A 42 1.89 -2.45 26.18
N THR A 43 1.84 -1.17 26.51
CA THR A 43 1.13 -0.74 27.71
C THR A 43 -0.34 -1.13 27.67
N LEU A 44 -0.93 -1.18 26.48
CA LEU A 44 -2.34 -1.53 26.32
C LEU A 44 -2.54 -2.90 25.69
N GLY A 45 -1.47 -3.56 25.25
CA GLY A 45 -1.61 -4.80 24.51
C GLY A 45 -2.47 -4.62 23.27
N VAL A 46 -2.09 -3.64 22.45
CA VAL A 46 -2.88 -3.29 21.27
C VAL A 46 -1.97 -3.38 20.04
N GLU A 47 -2.57 -3.68 18.90
CA GLU A 47 -1.88 -3.56 17.61
C GLU A 47 -2.59 -2.48 16.81
N VAL A 48 -1.85 -1.46 16.40
CA VAL A 48 -2.37 -0.36 15.60
C VAL A 48 -1.99 -0.63 14.15
N HIS A 49 -3.00 -0.88 13.31
CA HIS A 49 -2.78 -1.15 11.89
C HIS A 49 -2.96 0.13 11.10
N PRO A 50 -1.93 0.62 10.40
CA PRO A 50 -2.14 1.79 9.53
C PRO A 50 -2.73 1.42 8.18
N LEU A 51 -4.04 1.60 8.01
CA LEU A 51 -4.73 1.26 6.77
C LEU A 51 -4.87 2.52 5.92
N VAL A 52 -4.06 2.62 4.87
CA VAL A 52 -4.17 3.73 3.93
C VAL A 52 -5.21 3.38 2.87
N PHE A 53 -6.05 4.36 2.53
CA PHE A 53 -6.98 4.30 1.41
C PHE A 53 -6.73 5.53 0.55
N HIS A 54 -6.83 5.38 -0.76
CA HIS A 54 -6.53 6.46 -1.70
C HIS A 54 -7.84 6.99 -2.29
N THR A 55 -8.18 8.23 -1.94
CA THR A 55 -9.41 8.86 -2.39
C THR A 55 -9.12 9.82 -3.55
N ASN A 56 -10.19 10.20 -4.25
CA ASN A 56 -10.04 11.18 -5.31
C ASN A 56 -9.46 12.50 -4.81
N ARG A 57 -9.33 12.69 -3.49
CA ARG A 57 -8.75 13.90 -2.94
C ARG A 57 -7.49 13.63 -2.13
N GLY A 58 -6.87 12.46 -2.31
CA GLY A 58 -5.64 12.14 -1.64
C GLY A 58 -5.76 10.99 -0.66
N PRO A 59 -4.67 10.67 0.02
CA PRO A 59 -4.69 9.52 0.94
C PRO A 59 -5.33 9.85 2.27
N ILE A 60 -5.95 8.82 2.86
CA ILE A 60 -6.51 8.89 4.21
C ILE A 60 -6.11 7.61 4.94
N LYS A 61 -5.53 7.75 6.12
CA LYS A 61 -5.04 6.62 6.89
C LYS A 61 -5.91 6.42 8.12
N PHE A 62 -6.50 5.25 8.24
CA PHE A 62 -7.18 4.83 9.45
C PHE A 62 -6.22 3.98 10.28
N ASN A 63 -5.79 4.53 11.42
CA ASN A 63 -5.01 3.77 12.40
C ASN A 63 -6.00 2.94 13.20
N VAL A 64 -6.12 1.67 12.85
CA VAL A 64 -7.14 0.78 13.41
C VAL A 64 -6.56 0.07 14.61
N TRP A 65 -7.20 0.23 15.76
CA TRP A 65 -6.74 -0.38 17.01
C TRP A 65 -7.40 -1.73 17.19
N ASP A 66 -6.59 -2.78 17.24
CA ASP A 66 -7.07 -4.16 17.38
C ASP A 66 -6.57 -4.71 18.71
N THR A 67 -7.48 -5.34 19.45
CA THR A 67 -7.15 -5.89 20.74
C THR A 67 -6.28 -7.15 20.58
N ALA A 68 -5.73 -7.59 21.71
CA ALA A 68 -5.08 -8.89 21.81
C ALA A 68 -5.95 -9.92 22.53
N GLY A 69 -7.27 -9.76 22.43
CA GLY A 69 -8.20 -10.70 23.03
C GLY A 69 -8.75 -10.32 24.39
N GLN A 70 -8.40 -9.14 24.91
CA GLN A 70 -8.80 -8.80 26.28
C GLN A 70 -10.31 -8.71 26.42
N GLU A 71 -11.03 -8.39 25.34
CA GLU A 71 -12.48 -8.27 25.41
C GLU A 71 -13.15 -9.56 25.83
N LYS A 72 -12.45 -10.69 25.80
CA LYS A 72 -13.02 -11.96 26.24
C LYS A 72 -13.16 -12.04 27.75
N PHE A 73 -12.55 -11.13 28.49
CA PHE A 73 -12.49 -11.19 29.95
C PHE A 73 -13.11 -9.99 30.64
N GLY A 74 -13.59 -9.02 29.90
CA GLY A 74 -14.13 -7.81 30.48
C GLY A 74 -14.02 -6.67 29.49
N GLY A 75 -14.41 -5.48 29.96
CA GLY A 75 -14.36 -4.30 29.13
C GLY A 75 -12.95 -3.82 28.88
N LEU A 76 -12.82 -2.90 27.95
CA LEU A 76 -11.51 -2.37 27.58
C LEU A 76 -11.20 -1.13 28.40
N ARG A 77 -9.91 -0.94 28.67
CA ARG A 77 -9.46 0.16 29.52
C ARG A 77 -9.63 1.49 28.80
N ASP A 78 -9.75 2.56 29.60
CA ASP A 78 -10.01 3.89 29.05
C ASP A 78 -9.03 4.21 27.93
N GLY A 79 -7.74 3.94 28.15
CA GLY A 79 -6.71 4.32 27.20
C GLY A 79 -6.96 3.78 25.80
N TYR A 80 -7.61 2.63 25.69
CA TYR A 80 -7.90 2.08 24.37
C TYR A 80 -8.82 3.01 23.58
N TYR A 81 -9.88 3.51 24.23
CA TYR A 81 -10.83 4.39 23.58
C TYR A 81 -10.34 5.82 23.46
N ILE A 82 -9.41 6.25 24.32
CA ILE A 82 -9.04 7.65 24.40
C ILE A 82 -8.65 8.17 23.02
N GLN A 83 -9.19 9.33 22.66
CA GLN A 83 -8.88 10.06 21.44
C GLN A 83 -9.21 9.27 20.18
N ALA A 84 -10.10 8.29 20.26
CA ALA A 84 -10.63 7.68 19.05
C ALA A 84 -11.45 8.71 18.29
N GLN A 85 -11.29 8.74 16.97
CA GLN A 85 -12.07 9.64 16.14
C GLN A 85 -13.17 8.92 15.38
N CYS A 86 -13.12 7.60 15.30
CA CYS A 86 -14.21 6.86 14.69
C CYS A 86 -14.16 5.43 15.18
N ALA A 87 -15.18 4.66 14.80
CA ALA A 87 -15.23 3.31 15.34
C ALA A 87 -16.00 2.37 14.43
N ILE A 88 -15.65 1.09 14.52
CA ILE A 88 -16.45 0.01 13.97
C ILE A 88 -16.84 -0.90 15.13
N ILE A 89 -18.13 -1.18 15.24
CA ILE A 89 -18.65 -2.19 16.17
C ILE A 89 -19.03 -3.41 15.34
N MET A 90 -18.45 -4.55 15.68
CA MET A 90 -18.62 -5.77 14.91
C MET A 90 -19.35 -6.81 15.74
N PHE A 91 -20.24 -7.55 15.08
CA PHE A 91 -20.83 -8.74 15.66
C PHE A 91 -20.73 -9.85 14.63
N ASP A 92 -21.18 -11.05 15.01
CA ASP A 92 -21.06 -12.26 14.20
C ASP A 92 -22.47 -12.77 13.93
N VAL A 93 -22.85 -12.85 12.66
CA VAL A 93 -24.20 -13.17 12.27
C VAL A 93 -24.50 -14.64 12.48
N THR A 94 -23.52 -15.41 12.94
CA THR A 94 -23.74 -16.79 13.34
C THR A 94 -23.80 -16.94 14.86
N SER A 95 -23.84 -15.83 15.59
CA SER A 95 -23.84 -15.87 17.06
C SER A 95 -24.72 -14.71 17.55
N ARG A 96 -25.95 -15.04 17.96
CA ARG A 96 -26.90 -14.01 18.33
C ARG A 96 -26.40 -13.17 19.49
N VAL A 97 -25.73 -13.80 20.46
CA VAL A 97 -25.34 -13.06 21.66
C VAL A 97 -24.33 -11.97 21.32
N THR A 98 -23.53 -12.14 20.27
CA THR A 98 -22.63 -11.06 19.87
C THR A 98 -23.41 -9.85 19.38
N TYR A 99 -24.58 -10.07 18.76
CA TYR A 99 -25.45 -8.95 18.43
C TYR A 99 -26.12 -8.39 19.67
N LYS A 100 -26.47 -9.24 20.63
CA LYS A 100 -27.09 -8.75 21.86
C LYS A 100 -26.15 -7.87 22.67
N ASN A 101 -24.83 -8.04 22.53
CA ASN A 101 -23.88 -7.23 23.27
C ASN A 101 -23.53 -5.92 22.56
N VAL A 102 -24.07 -5.69 21.37
CA VAL A 102 -23.75 -4.47 20.63
C VAL A 102 -24.09 -3.23 21.44
N PRO A 103 -25.27 -3.12 22.08
CA PRO A 103 -25.53 -1.92 22.89
C PRO A 103 -24.49 -1.69 23.98
N ASN A 104 -23.97 -2.76 24.58
CA ASN A 104 -22.95 -2.61 25.62
C ASN A 104 -21.68 -1.98 25.04
N TRP A 105 -21.25 -2.45 23.86
CA TRP A 105 -20.07 -1.86 23.23
C TRP A 105 -20.33 -0.41 22.85
N HIS A 106 -21.52 -0.11 22.34
CA HIS A 106 -21.85 1.26 22.00
C HIS A 106 -21.80 2.17 23.23
N ARG A 107 -22.33 1.70 24.36
CA ARG A 107 -22.32 2.50 25.58
C ARG A 107 -20.89 2.71 26.08
N ASP A 108 -20.13 1.62 26.20
CA ASP A 108 -18.72 1.75 26.59
C ASP A 108 -18.00 2.76 25.71
N LEU A 109 -18.26 2.73 24.41
CA LEU A 109 -17.55 3.59 23.47
C LEU A 109 -17.93 5.05 23.65
N VAL A 110 -19.23 5.34 23.67
CA VAL A 110 -19.68 6.71 23.80
C VAL A 110 -19.37 7.29 25.18
N ARG A 111 -19.19 6.43 26.20
CA ARG A 111 -18.87 6.95 27.52
C ARG A 111 -17.55 7.72 27.51
N VAL A 112 -16.61 7.34 26.65
CA VAL A 112 -15.30 7.97 26.59
C VAL A 112 -15.21 8.90 25.39
N CYS A 113 -15.75 8.50 24.24
CA CYS A 113 -15.55 9.22 22.99
C CYS A 113 -16.75 10.05 22.57
N GLU A 114 -17.92 9.83 23.16
CA GLU A 114 -19.12 10.65 22.87
C GLU A 114 -19.53 10.34 21.42
N ASN A 115 -20.00 11.34 20.66
CA ASN A 115 -20.66 11.11 19.38
C ASN A 115 -19.65 11.20 18.26
N ILE A 116 -18.81 10.16 18.17
CA ILE A 116 -17.90 10.01 17.04
C ILE A 116 -18.60 9.13 16.00
N PRO A 117 -18.24 9.23 14.72
CA PRO A 117 -18.90 8.38 13.71
C PRO A 117 -18.57 6.90 13.89
N ILE A 118 -19.61 6.08 13.74
CA ILE A 118 -19.57 4.67 14.10
C ILE A 118 -20.27 3.86 13.01
N VAL A 119 -19.67 2.73 12.63
CA VAL A 119 -20.29 1.82 11.67
C VAL A 119 -20.51 0.47 12.34
N LEU A 120 -21.70 -0.10 12.16
CA LEU A 120 -22.02 -1.43 12.65
C LEU A 120 -21.81 -2.44 11.53
N CYS A 121 -21.08 -3.51 11.82
CA CYS A 121 -20.76 -4.53 10.83
C CYS A 121 -21.16 -5.90 11.35
N GLY A 122 -21.87 -6.64 10.51
CA GLY A 122 -22.15 -8.04 10.77
C GLY A 122 -21.26 -8.97 9.96
N ASN A 123 -20.32 -9.65 10.61
CA ASN A 123 -19.28 -10.42 9.95
C ASN A 123 -19.67 -11.89 9.79
N LYS A 124 -18.97 -12.57 8.90
CA LYS A 124 -19.09 -14.01 8.64
C LYS A 124 -20.32 -14.34 7.80
N VAL A 125 -20.75 -13.42 6.94
CA VAL A 125 -21.93 -13.69 6.11
C VAL A 125 -21.65 -14.74 5.05
N ASP A 126 -20.40 -15.17 4.89
CA ASP A 126 -20.10 -16.26 3.97
C ASP A 126 -20.64 -17.59 4.45
N ILE A 127 -21.00 -17.69 5.73
CA ILE A 127 -21.42 -18.96 6.32
C ILE A 127 -22.89 -19.21 5.98
N LYS A 128 -23.18 -20.42 5.52
CA LYS A 128 -24.54 -20.78 5.13
C LYS A 128 -25.54 -20.50 6.25
N ASP A 129 -25.35 -21.17 7.40
CA ASP A 129 -26.30 -21.10 8.51
C ASP A 129 -26.16 -19.76 9.21
N ARG A 130 -26.75 -18.74 8.60
CA ARG A 130 -26.77 -17.40 9.18
C ARG A 130 -27.86 -17.31 10.23
N LYS A 131 -27.50 -16.93 11.45
CA LYS A 131 -28.45 -16.84 12.54
C LYS A 131 -29.10 -15.46 12.63
N VAL A 132 -28.30 -14.40 12.52
CA VAL A 132 -28.78 -13.03 12.65
C VAL A 132 -29.04 -12.50 11.25
N LYS A 133 -30.29 -12.58 10.80
CA LYS A 133 -30.66 -12.14 9.47
C LYS A 133 -30.91 -10.62 9.45
N ALA A 134 -31.13 -10.09 8.25
CA ALA A 134 -31.29 -8.65 8.10
C ALA A 134 -32.49 -8.14 8.88
N LYS A 135 -33.58 -8.91 8.93
CA LYS A 135 -34.80 -8.42 9.59
C LYS A 135 -34.56 -8.15 11.06
N SER A 136 -33.65 -8.89 11.69
CA SER A 136 -33.39 -8.71 13.12
C SER A 136 -32.40 -7.59 13.42
N ILE A 137 -31.63 -7.15 12.43
CA ILE A 137 -30.59 -6.15 12.64
C ILE A 137 -31.24 -4.78 12.63
N VAL A 138 -31.37 -4.17 13.81
CA VAL A 138 -32.14 -2.94 13.95
C VAL A 138 -31.44 -1.90 14.81
N PHE A 139 -30.38 -2.30 15.51
CA PHE A 139 -29.76 -1.38 16.46
C PHE A 139 -29.26 -0.11 15.77
N HIS A 140 -28.70 -0.24 14.56
CA HIS A 140 -28.19 0.93 13.86
C HIS A 140 -29.31 1.93 13.58
N ARG A 141 -30.51 1.43 13.25
CA ARG A 141 -31.63 2.32 12.96
C ARG A 141 -32.11 3.05 14.20
N LYS A 142 -31.90 2.46 15.39
CA LYS A 142 -32.28 3.14 16.62
C LYS A 142 -31.30 4.24 16.99
N LYS A 143 -30.03 4.09 16.62
CA LYS A 143 -29.00 5.09 16.89
C LYS A 143 -28.60 5.86 15.64
N ASN A 144 -29.34 5.70 14.55
CA ASN A 144 -29.08 6.41 13.30
C ASN A 144 -27.63 6.23 12.85
N LEU A 145 -27.19 4.97 12.82
CA LEU A 145 -25.85 4.61 12.37
C LEU A 145 -25.92 3.89 11.03
N GLN A 146 -24.75 3.72 10.40
CA GLN A 146 -24.64 2.97 9.16
C GLN A 146 -24.29 1.52 9.45
N TYR A 147 -24.95 0.60 8.75
CA TYR A 147 -24.69 -0.83 8.90
C TYR A 147 -24.23 -1.45 7.58
N TYR A 148 -23.34 -2.43 7.70
CA TYR A 148 -22.95 -3.25 6.55
C TYR A 148 -22.79 -4.71 6.94
N ASP A 149 -23.26 -5.60 6.06
CA ASP A 149 -22.80 -6.98 6.08
C ASP A 149 -21.36 -7.03 5.57
N ILE A 150 -20.52 -7.84 6.21
CA ILE A 150 -19.15 -8.05 5.75
C ILE A 150 -18.79 -9.51 5.92
N SER A 151 -17.77 -9.94 5.19
CA SER A 151 -17.14 -11.25 5.39
C SER A 151 -15.64 -11.00 5.33
N ALA A 152 -14.99 -11.01 6.50
CA ALA A 152 -13.55 -10.78 6.54
C ALA A 152 -12.81 -11.76 5.66
N LYS A 153 -13.22 -13.03 5.68
CA LYS A 153 -12.47 -14.08 4.99
C LYS A 153 -12.58 -13.99 3.48
N SER A 154 -13.60 -13.31 2.96
CA SER A 154 -13.79 -13.19 1.51
C SER A 154 -13.63 -11.76 1.03
N ASN A 155 -13.25 -10.83 1.91
CA ASN A 155 -13.10 -9.42 1.60
C ASN A 155 -14.41 -8.76 1.19
N TYR A 156 -15.54 -9.45 1.34
CA TYR A 156 -16.81 -8.89 0.95
C TYR A 156 -17.11 -7.61 1.73
N ASN A 157 -17.37 -6.53 0.99
CA ASN A 157 -17.71 -5.22 1.55
C ASN A 157 -16.62 -4.65 2.44
N PHE A 158 -15.37 -5.11 2.28
CA PHE A 158 -14.31 -4.70 3.17
C PHE A 158 -14.19 -3.17 3.23
N GLU A 159 -14.31 -2.50 2.08
CA GLU A 159 -14.04 -1.07 2.01
C GLU A 159 -15.21 -0.20 2.45
N LYS A 160 -16.41 -0.77 2.53
CA LYS A 160 -17.60 0.07 2.75
C LYS A 160 -17.55 0.85 4.06
N PRO A 161 -17.25 0.24 5.21
CA PRO A 161 -17.22 1.04 6.45
C PRO A 161 -16.22 2.18 6.37
N PHE A 162 -15.05 1.92 5.78
CA PHE A 162 -14.01 2.94 5.71
C PHE A 162 -14.40 4.08 4.79
N LEU A 163 -15.10 3.78 3.68
CA LEU A 163 -15.56 4.84 2.81
C LEU A 163 -16.61 5.70 3.49
N TRP A 164 -17.57 5.06 4.17
CA TRP A 164 -18.57 5.83 4.91
C TRP A 164 -17.91 6.73 5.95
N LEU A 165 -16.99 6.16 6.75
CA LEU A 165 -16.32 6.95 7.77
C LEU A 165 -15.54 8.11 7.16
N ALA A 166 -14.83 7.87 6.04
CA ALA A 166 -14.08 8.94 5.41
C ALA A 166 -15.00 10.06 4.96
N ARG A 167 -16.16 9.70 4.39
CA ARG A 167 -17.11 10.72 3.96
C ARG A 167 -17.60 11.54 5.15
N LYS A 168 -17.87 10.89 6.29
CA LYS A 168 -18.35 11.64 7.45
C LYS A 168 -17.27 12.53 8.02
N LEU A 169 -16.04 12.01 8.16
CA LEU A 169 -14.98 12.75 8.82
C LEU A 169 -14.52 13.93 7.98
N ILE A 170 -14.39 13.74 6.67
CA ILE A 170 -13.93 14.82 5.82
C ILE A 170 -15.03 15.83 5.55
N GLY A 171 -16.28 15.39 5.55
CA GLY A 171 -17.37 16.26 5.15
C GLY A 171 -17.53 16.37 3.65
N ASP A 172 -17.23 15.31 2.92
CA ASP A 172 -17.34 15.27 1.45
C ASP A 172 -18.18 14.04 1.11
N PRO A 173 -19.48 14.21 0.84
CA PRO A 173 -20.31 13.03 0.52
C PRO A 173 -19.97 12.40 -0.83
N ASN A 174 -19.16 13.05 -1.67
CA ASN A 174 -18.79 12.54 -2.97
C ASN A 174 -17.42 11.90 -2.99
N LEU A 175 -16.82 11.68 -1.84
CA LEU A 175 -15.50 11.09 -1.76
C LEU A 175 -15.55 9.65 -2.28
N GLU A 176 -14.50 9.26 -3.00
CA GLU A 176 -14.43 7.94 -3.59
C GLU A 176 -13.04 7.36 -3.35
N PHE A 177 -12.96 6.03 -3.28
CA PHE A 177 -11.69 5.33 -3.33
C PHE A 177 -11.36 5.07 -4.81
N VAL A 178 -10.26 5.65 -5.30
CA VAL A 178 -9.90 5.48 -6.70
C VAL A 178 -9.32 4.10 -6.98
N ALA A 179 -8.94 3.36 -5.96
CA ALA A 179 -8.44 2.00 -6.13
C ALA A 179 -8.52 1.30 -4.78
N MET A 180 -8.79 0.00 -4.82
CA MET A 180 -8.86 -0.78 -3.60
C MET A 180 -7.46 -0.96 -3.02
N PRO A 181 -7.32 -1.04 -1.70
CA PRO A 181 -6.04 -1.47 -1.12
C PRO A 181 -5.73 -2.91 -1.49
N ALA A 182 -4.44 -3.22 -1.48
CA ALA A 182 -4.00 -4.61 -1.62
C ALA A 182 -4.51 -5.40 -0.42
N LEU A 183 -5.29 -6.44 -0.70
CA LEU A 183 -5.91 -7.26 0.34
C LEU A 183 -5.46 -8.72 0.21
N ALA A 184 -5.43 -9.42 1.34
CA ALA A 184 -5.11 -10.84 1.32
C ALA A 184 -6.11 -11.59 0.44
N PRO A 185 -5.67 -12.56 -0.35
CA PRO A 185 -6.60 -13.25 -1.23
C PRO A 185 -7.75 -13.86 -0.43
N PRO A 186 -8.94 -13.91 -1.01
CA PRO A 186 -10.07 -14.54 -0.30
C PRO A 186 -9.78 -15.98 0.06
N GLU A 187 -10.04 -16.34 1.32
CA GLU A 187 -9.92 -17.72 1.78
C GLU A 187 -11.20 -18.52 1.57
N VAL A 188 -12.35 -17.84 1.48
CA VAL A 188 -13.60 -18.46 1.07
C VAL A 188 -14.19 -17.60 -0.04
N VAL A 189 -15.05 -18.21 -0.83
CA VAL A 189 -15.79 -17.48 -1.86
C VAL A 189 -17.08 -16.98 -1.27
N MET A 190 -17.42 -15.72 -1.59
CA MET A 190 -18.73 -15.15 -1.29
C MET A 190 -19.58 -15.28 -2.54
N ASP A 191 -20.57 -16.15 -2.51
CA ASP A 191 -21.42 -16.35 -3.68
C ASP A 191 -22.03 -15.02 -4.10
N PRO A 192 -21.86 -14.61 -5.36
CA PRO A 192 -22.41 -13.30 -5.76
C PRO A 192 -23.91 -13.20 -5.55
N ALA A 193 -24.65 -14.24 -5.94
CA ALA A 193 -26.10 -14.21 -5.78
C ALA A 193 -26.49 -14.13 -4.31
N LEU A 194 -25.74 -14.79 -3.43
CA LEU A 194 -26.02 -14.69 -2.01
C LEU A 194 -25.82 -13.26 -1.52
N ALA A 195 -24.78 -12.58 -2.02
CA ALA A 195 -24.56 -11.19 -1.64
C ALA A 195 -25.70 -10.31 -2.13
N ALA A 196 -26.14 -10.51 -3.37
CA ALA A 196 -27.29 -9.77 -3.88
C ALA A 196 -28.51 -10.02 -3.00
N GLN A 197 -28.74 -11.28 -2.61
CA GLN A 197 -29.90 -11.60 -1.79
C GLN A 197 -29.83 -10.93 -0.43
N TYR A 198 -28.65 -10.94 0.20
CA TYR A 198 -28.52 -10.31 1.52
C TYR A 198 -28.70 -8.81 1.44
N GLU A 199 -28.14 -8.17 0.40
CA GLU A 199 -28.34 -6.73 0.22
C GLU A 199 -29.81 -6.41 -0.02
N HIS A 200 -30.49 -7.25 -0.80
CA HIS A 200 -31.92 -7.07 -1.04
C HIS A 200 -32.71 -7.19 0.26
N ASP A 201 -32.39 -8.21 1.06
CA ASP A 201 -33.06 -8.36 2.36
C ASP A 201 -32.79 -7.15 3.24
N LEU A 202 -31.58 -6.59 3.16
CA LEU A 202 -31.27 -5.42 3.98
C LEU A 202 -32.12 -4.23 3.59
N GLU A 203 -32.24 -3.96 2.28
CA GLU A 203 -33.05 -2.81 1.86
C GLU A 203 -34.54 -3.04 2.19
N VAL A 204 -35.05 -4.25 1.98
CA VAL A 204 -36.41 -4.55 2.38
C VAL A 204 -36.60 -4.28 3.87
N ALA A 205 -35.69 -4.81 4.69
CA ALA A 205 -35.73 -4.56 6.13
C ALA A 205 -35.74 -3.07 6.42
N GLN A 206 -35.02 -2.29 5.62
CA GLN A 206 -35.05 -0.84 5.80
C GLN A 206 -36.43 -0.29 5.52
N THR A 207 -37.17 -0.89 4.58
CA THR A 207 -38.53 -0.43 4.33
C THR A 207 -39.38 -0.57 5.60
N THR A 208 -39.29 -1.71 6.27
CA THR A 208 -40.07 -1.98 7.47
C THR A 208 -39.74 -0.98 8.57
N ALA A 209 -40.65 -0.88 9.54
CA ALA A 209 -40.45 -0.08 10.74
C ALA A 209 -40.18 -0.99 11.93
N LEU A 210 -39.63 -0.41 12.98
CA LEU A 210 -39.06 -1.20 14.06
C LEU A 210 -40.01 -1.31 15.23
N PRO A 211 -40.48 -2.51 15.59
CA PRO A 211 -41.30 -2.71 16.79
C PRO A 211 -40.46 -3.02 18.03
N SER B 5 -10.33 19.71 -4.58
CA SER B 5 -9.20 20.19 -3.79
C SER B 5 -8.80 19.16 -2.74
N GLY B 6 -7.54 18.74 -2.77
CA GLY B 6 -7.05 17.74 -1.85
C GLY B 6 -7.08 18.20 -0.40
N PHE B 7 -7.66 17.39 0.49
CA PHE B 7 -7.70 17.76 1.89
C PHE B 7 -6.32 17.68 2.54
N GLY B 8 -5.38 16.96 1.93
CA GLY B 8 -4.02 16.94 2.44
C GLY B 8 -3.26 18.24 2.21
N ASP B 9 -3.69 19.03 1.24
CA ASP B 9 -3.02 20.31 1.00
C ASP B 9 -3.33 21.32 2.09
N LYS B 10 -4.59 21.40 2.50
CA LYS B 10 -5.04 22.38 3.48
C LYS B 10 -4.90 21.89 4.92
N PHE B 11 -4.47 20.65 5.12
CA PHE B 11 -4.39 20.09 6.46
C PHE B 11 -3.12 20.58 7.17
N LYS B 12 -3.30 21.12 8.37
CA LYS B 12 -2.20 21.56 9.22
C LYS B 12 -2.40 21.00 10.62
N ARG B 13 -1.30 20.58 11.26
CA ARG B 13 -1.36 20.08 12.62
C ARG B 13 -1.55 21.23 13.60
N PRO B 14 -2.27 21.00 14.71
CA PRO B 14 -2.42 22.05 15.72
C PRO B 14 -1.07 22.50 16.25
N VAL B 15 -0.97 23.79 16.58
CA VAL B 15 0.29 24.34 17.08
C VAL B 15 0.68 23.61 18.37
N GLY B 16 1.89 23.06 18.38
CA GLY B 16 2.39 22.36 19.54
C GLY B 16 2.00 20.91 19.64
N SER B 17 1.17 20.41 18.73
CA SER B 17 0.77 19.02 18.78
C SER B 17 1.94 18.10 18.42
N TRP B 18 1.97 16.93 19.04
CA TRP B 18 2.99 15.93 18.77
C TRP B 18 2.32 14.58 18.59
N GLU B 19 2.71 13.86 17.54
CA GLU B 19 2.20 12.52 17.30
C GLU B 19 2.95 11.52 18.15
N CYS B 20 2.21 10.67 18.86
CA CYS B 20 2.85 9.65 19.69
C CYS B 20 3.55 8.64 18.80
N PRO B 21 4.84 8.37 19.00
CA PRO B 21 5.52 7.38 18.15
C PRO B 21 5.09 5.94 18.41
N VAL B 22 4.49 5.64 19.56
CA VAL B 22 4.13 4.26 19.86
C VAL B 22 2.76 3.90 19.30
N CYS B 23 1.78 4.81 19.40
CA CYS B 23 0.41 4.50 19.02
C CYS B 23 -0.23 5.46 18.04
N CYS B 24 0.45 6.54 17.68
CA CYS B 24 0.05 7.50 16.64
C CYS B 24 -1.03 8.49 17.06
N VAL B 25 -1.41 8.55 18.34
CA VAL B 25 -2.42 9.50 18.76
C VAL B 25 -1.81 10.89 18.80
N SER B 26 -2.62 11.89 18.47
CA SER B 26 -2.19 13.28 18.50
C SER B 26 -2.39 13.83 19.92
N ASN B 27 -1.34 14.43 20.47
CA ASN B 27 -1.34 14.93 21.84
C ASN B 27 -1.10 16.43 21.87
N LYS B 28 -1.39 17.02 23.02
CA LYS B 28 -1.25 18.45 23.21
C LYS B 28 0.16 18.79 23.70
N ALA B 29 0.57 20.05 23.45
CA ALA B 29 1.92 20.47 23.78
C ALA B 29 2.22 20.30 25.26
N GLU B 30 1.25 20.65 26.12
CA GLU B 30 1.45 20.62 27.56
C GLU B 30 1.26 19.24 28.18
N ASP B 31 1.12 18.20 27.37
CA ASP B 31 0.99 16.83 27.86
C ASP B 31 2.33 16.13 27.69
N SER B 32 2.96 15.80 28.82
CA SER B 32 4.28 15.17 28.79
C SER B 32 4.24 13.72 28.35
N ARG B 33 3.09 13.06 28.48
CA ARG B 33 2.92 11.68 28.08
C ARG B 33 1.66 11.54 27.23
N CYS B 34 1.63 10.48 26.42
CA CYS B 34 0.50 10.26 25.53
C CYS B 34 -0.76 9.98 26.34
N VAL B 35 -1.84 10.70 26.02
CA VAL B 35 -3.09 10.55 26.76
C VAL B 35 -3.68 9.16 26.59
N SER B 36 -3.29 8.43 25.55
CA SER B 36 -3.85 7.12 25.27
C SER B 36 -3.01 5.98 25.85
N CYS B 37 -1.72 5.95 25.53
CA CYS B 37 -0.87 4.82 25.89
C CYS B 37 0.20 5.15 26.92
N THR B 38 0.24 6.38 27.42
CA THR B 38 1.14 6.83 28.47
C THR B 38 2.62 6.85 28.05
N SER B 39 2.92 6.60 26.78
CA SER B 39 4.29 6.73 26.31
C SER B 39 4.74 8.19 26.37
N GLU B 40 6.04 8.39 26.58
CA GLU B 40 6.56 9.71 26.87
C GLU B 40 6.84 10.49 25.60
N LYS B 41 6.52 11.78 25.62
CA LYS B 41 6.79 12.68 24.51
C LYS B 41 8.24 12.51 24.04
N PRO B 42 8.48 12.30 22.74
CA PRO B 42 9.85 12.05 22.29
C PRO B 42 10.77 13.25 22.51
N PRO C 8 13.27 -4.74 11.28
CA PRO C 8 13.83 -4.38 9.98
C PRO C 8 13.00 -4.88 8.81
N GLN C 9 12.77 -4.02 7.82
CA GLN C 9 12.03 -4.38 6.62
C GLN C 9 12.99 -4.76 5.51
N VAL C 10 12.59 -5.75 4.70
CA VAL C 10 13.37 -6.17 3.55
C VAL C 10 13.17 -5.12 2.45
N GLN C 11 14.21 -4.35 2.17
CA GLN C 11 14.11 -3.26 1.19
C GLN C 11 15.36 -3.22 0.32
N PHE C 12 15.17 -2.68 -0.89
CA PHE C 12 16.22 -2.60 -1.88
C PHE C 12 16.21 -1.22 -2.53
N LYS C 13 17.39 -0.66 -2.76
CA LYS C 13 17.49 0.56 -3.55
C LYS C 13 17.44 0.19 -5.03
N LEU C 14 16.42 0.70 -5.73
CA LEU C 14 16.21 0.46 -7.15
C LEU C 14 16.36 1.80 -7.86
N VAL C 15 17.36 1.90 -8.74
CA VAL C 15 17.55 3.11 -9.52
C VAL C 15 16.81 2.96 -10.84
N LEU C 16 16.04 3.99 -11.20
CA LEU C 16 15.21 4.03 -12.39
C LEU C 16 15.83 5.06 -13.31
N VAL C 17 16.51 4.59 -14.36
CA VAL C 17 17.27 5.47 -15.24
C VAL C 17 16.80 5.28 -16.67
N GLY C 18 17.21 6.21 -17.52
CA GLY C 18 16.73 6.30 -18.89
C GLY C 18 16.66 7.75 -19.31
N ASP C 19 16.52 7.95 -20.61
CA ASP C 19 16.45 9.31 -21.15
C ASP C 19 15.24 10.05 -20.58
N GLY C 20 15.33 11.37 -20.59
CA GLY C 20 14.19 12.16 -20.21
C GLY C 20 13.03 11.96 -21.17
N GLY C 21 11.83 11.99 -20.63
CA GLY C 21 10.63 11.83 -21.43
C GLY C 21 10.28 10.40 -21.78
N THR C 22 11.03 9.42 -21.28
CA THR C 22 10.69 8.03 -21.52
C THR C 22 9.54 7.54 -20.65
N GLY C 23 9.21 8.27 -19.60
CA GLY C 23 8.11 7.93 -18.72
C GLY C 23 8.50 7.37 -17.35
N LYS C 24 9.70 7.66 -16.86
CA LYS C 24 10.12 7.11 -15.58
C LYS C 24 9.24 7.60 -14.44
N THR C 25 8.99 8.91 -14.39
CA THR C 25 8.21 9.48 -13.30
C THR C 25 6.78 8.97 -13.33
N THR C 26 6.15 9.00 -14.50
CA THR C 26 4.80 8.43 -14.64
C THR C 26 4.76 6.99 -14.13
N PHE C 27 5.70 6.17 -14.60
CA PHE C 27 5.75 4.77 -14.22
C PHE C 27 5.82 4.62 -12.70
N VAL C 28 6.79 5.28 -12.06
CA VAL C 28 6.93 5.09 -10.62
C VAL C 28 5.71 5.62 -9.90
N LYS C 29 5.07 6.66 -10.46
CA LYS C 29 3.91 7.27 -9.80
C LYS C 29 2.66 6.40 -9.86
N ARG C 30 2.63 5.39 -10.72
CA ARG C 30 1.47 4.49 -10.72
C ARG C 30 1.18 3.92 -9.33
N HIS C 31 2.21 3.68 -8.52
CA HIS C 31 2.05 3.07 -7.20
C HIS C 31 1.64 4.13 -6.21
N LEU C 32 0.37 4.10 -5.79
CA LEU C 32 -0.22 5.25 -5.10
C LEU C 32 0.46 5.51 -3.76
N THR C 33 0.69 4.47 -2.96
CA THR C 33 1.30 4.69 -1.66
C THR C 33 2.75 5.15 -1.81
N GLY C 34 3.47 4.61 -2.79
CA GLY C 34 4.81 5.10 -3.06
C GLY C 34 4.84 6.57 -3.42
N GLU C 35 3.73 7.07 -4.00
CA GLU C 35 3.66 8.49 -4.33
C GLU C 35 3.31 9.33 -3.11
N SER C 36 2.36 8.87 -2.29
CA SER C 36 1.97 9.66 -1.12
C SER C 36 3.05 9.70 -0.05
N GLU C 37 3.95 8.71 -0.04
CA GLU C 37 4.96 8.59 1.01
C GLU C 37 6.38 8.82 0.50
N LYS C 38 6.53 9.36 -0.70
CA LYS C 38 7.86 9.61 -1.25
C LYS C 38 8.63 10.58 -0.37
N LYS C 39 9.96 10.46 -0.41
CA LYS C 39 10.86 11.32 0.34
C LYS C 39 11.73 12.10 -0.63
N TYR C 40 11.87 13.41 -0.40
CA TYR C 40 12.68 14.25 -1.27
C TYR C 40 14.10 14.33 -0.74
N VAL C 41 15.07 14.02 -1.61
CA VAL C 41 16.49 14.20 -1.33
C VAL C 41 16.89 15.48 -2.05
N ALA C 42 16.98 16.57 -1.28
CA ALA C 42 17.33 17.87 -1.86
C ALA C 42 18.80 17.90 -2.29
N THR C 43 19.66 17.18 -1.59
CA THR C 43 21.08 17.18 -1.94
C THR C 43 21.31 16.69 -3.35
N LEU C 44 20.50 15.73 -3.81
CA LEU C 44 20.65 15.14 -5.13
C LEU C 44 19.48 15.45 -6.06
N GLY C 45 18.49 16.20 -5.61
CA GLY C 45 17.29 16.42 -6.39
C GLY C 45 16.66 15.11 -6.81
N VAL C 46 16.34 14.27 -5.83
CA VAL C 46 15.77 12.95 -6.09
C VAL C 46 14.48 12.81 -5.29
N GLU C 47 13.61 11.92 -5.77
CA GLU C 47 12.42 11.52 -5.02
C GLU C 47 12.46 10.01 -4.86
N VAL C 48 12.55 9.55 -3.61
CA VAL C 48 12.60 8.13 -3.29
C VAL C 48 11.18 7.68 -2.99
N HIS C 49 10.63 6.84 -3.87
CA HIS C 49 9.28 6.30 -3.70
C HIS C 49 9.37 4.94 -3.06
N PRO C 50 8.78 4.72 -1.88
CA PRO C 50 8.76 3.38 -1.30
C PRO C 50 7.62 2.53 -1.86
N LEU C 51 7.92 1.63 -2.80
CA LEU C 51 6.92 0.76 -3.40
C LEU C 51 6.95 -0.58 -2.66
N VAL C 52 5.89 -0.86 -1.90
CA VAL C 52 5.77 -2.14 -1.23
C VAL C 52 5.02 -3.11 -2.13
N PHE C 53 5.52 -4.33 -2.24
CA PHE C 53 4.83 -5.44 -2.88
C PHE C 53 4.71 -6.56 -1.85
N HIS C 54 3.61 -7.29 -1.90
CA HIS C 54 3.35 -8.36 -0.94
C HIS C 54 3.50 -9.70 -1.66
N THR C 55 4.53 -10.44 -1.29
CA THR C 55 4.82 -11.74 -1.87
C THR C 55 4.28 -12.84 -0.97
N ASN C 56 4.25 -14.05 -1.51
CA ASN C 56 3.83 -15.22 -0.73
C ASN C 56 4.73 -15.48 0.46
N ARG C 57 5.83 -14.72 0.60
CA ARG C 57 6.73 -14.86 1.73
C ARG C 57 6.90 -13.55 2.50
N GLY C 58 6.01 -12.59 2.27
CA GLY C 58 6.04 -11.36 3.05
C GLY C 58 6.24 -10.11 2.20
N PRO C 59 6.38 -8.97 2.87
CA PRO C 59 6.54 -7.71 2.12
C PRO C 59 7.97 -7.47 1.65
N ILE C 60 8.08 -6.86 0.48
N ILE C 60 8.08 -6.88 0.47
CA ILE C 60 9.34 -6.42 -0.08
CA ILE C 60 9.35 -6.41 -0.07
C ILE C 60 9.17 -4.98 -0.55
C ILE C 60 9.16 -4.98 -0.53
N LYS C 61 10.08 -4.10 -0.14
CA LYS C 61 10.01 -2.69 -0.48
C LYS C 61 11.12 -2.35 -1.47
N PHE C 62 10.73 -1.78 -2.61
CA PHE C 62 11.66 -1.20 -3.57
C PHE C 62 11.65 0.32 -3.36
N ASN C 63 12.76 0.85 -2.87
CA ASN C 63 12.94 2.31 -2.79
C ASN C 63 13.38 2.80 -4.15
N VAL C 64 12.43 3.25 -4.96
CA VAL C 64 12.69 3.64 -6.34
C VAL C 64 13.16 5.09 -6.36
N TRP C 65 14.37 5.31 -6.84
CA TRP C 65 14.95 6.65 -6.94
C TRP C 65 14.54 7.24 -8.29
N ASP C 66 13.72 8.29 -8.26
CA ASP C 66 13.29 8.98 -9.47
C ASP C 66 13.97 10.33 -9.53
N THR C 67 14.45 10.68 -10.72
CA THR C 67 15.15 11.94 -10.93
C THR C 67 14.17 13.10 -10.92
N ALA C 68 14.72 14.31 -10.79
CA ALA C 68 13.98 15.54 -10.99
C ALA C 68 14.30 16.17 -12.34
N GLY C 69 14.59 15.33 -13.35
CA GLY C 69 14.84 15.80 -14.70
C GLY C 69 16.28 16.05 -15.05
N GLN C 70 17.22 15.77 -14.14
CA GLN C 70 18.61 16.13 -14.40
C GLN C 70 19.22 15.31 -15.54
N GLU C 71 18.65 14.15 -15.88
CA GLU C 71 19.17 13.38 -17.00
C GLU C 71 19.07 14.16 -18.31
N LYS C 72 18.25 15.22 -18.34
CA LYS C 72 18.12 16.02 -19.54
C LYS C 72 19.33 16.92 -19.79
N PHE C 73 20.12 17.18 -18.74
CA PHE C 73 21.26 18.09 -18.85
C PHE C 73 22.61 17.37 -18.83
N GLY C 74 22.64 16.09 -18.49
CA GLY C 74 23.89 15.36 -18.38
C GLY C 74 23.70 14.14 -17.51
N GLY C 75 24.82 13.47 -17.25
CA GLY C 75 24.82 12.29 -16.42
C GLY C 75 24.32 12.59 -15.02
N LEU C 76 24.13 11.52 -14.25
CA LEU C 76 23.66 11.61 -12.87
C LEU C 76 24.84 11.49 -11.92
N ARG C 77 24.80 12.28 -10.84
CA ARG C 77 25.88 12.28 -9.87
C ARG C 77 26.07 10.89 -9.27
N ASP C 78 27.31 10.59 -8.89
CA ASP C 78 27.62 9.28 -8.33
C ASP C 78 26.65 8.92 -7.20
N GLY C 79 26.47 9.84 -6.25
CA GLY C 79 25.60 9.56 -5.12
C GLY C 79 24.26 8.96 -5.51
N TYR C 80 23.74 9.33 -6.68
CA TYR C 80 22.51 8.72 -7.16
C TYR C 80 22.66 7.21 -7.27
N TYR C 81 23.70 6.75 -7.95
CA TYR C 81 23.91 5.32 -8.15
C TYR C 81 24.41 4.62 -6.89
N ILE C 82 24.99 5.34 -5.95
CA ILE C 82 25.70 4.71 -4.85
C ILE C 82 24.77 3.77 -4.09
N GLN C 83 25.26 2.56 -3.83
CA GLN C 83 24.56 1.54 -3.06
C GLN C 83 23.24 1.12 -3.70
N ALA C 84 23.10 1.29 -5.00
CA ALA C 84 21.95 0.74 -5.70
C ALA C 84 22.03 -0.78 -5.70
N GLN C 85 20.93 -1.44 -5.36
CA GLN C 85 20.87 -2.89 -5.31
C GLN C 85 20.15 -3.50 -6.51
N CYS C 86 19.46 -2.68 -7.32
CA CYS C 86 18.86 -3.17 -8.55
C CYS C 86 18.51 -1.97 -9.43
N ALA C 87 18.16 -2.26 -10.69
CA ALA C 87 17.90 -1.15 -11.58
C ALA C 87 16.88 -1.49 -12.67
N ILE C 88 16.18 -0.45 -13.10
CA ILE C 88 15.36 -0.49 -14.30
C ILE C 88 15.92 0.54 -15.27
N ILE C 89 16.18 0.11 -16.50
CA ILE C 89 16.55 1.00 -17.60
C ILE C 89 15.32 1.10 -18.50
N MET C 90 14.83 2.32 -18.69
CA MET C 90 13.62 2.54 -19.45
C MET C 90 13.94 3.29 -20.73
N PHE C 91 13.28 2.88 -21.82
CA PHE C 91 13.29 3.64 -23.05
C PHE C 91 11.85 3.77 -23.54
N ASP C 92 11.67 4.59 -24.57
CA ASP C 92 10.37 4.88 -25.15
C ASP C 92 10.29 4.23 -26.52
N VAL C 93 9.35 3.33 -26.70
CA VAL C 93 9.24 2.56 -27.94
C VAL C 93 8.79 3.44 -29.11
N THR C 94 8.48 4.70 -28.84
CA THR C 94 8.16 5.64 -29.92
C THR C 94 9.30 6.62 -30.19
N SER C 95 10.48 6.39 -29.61
CA SER C 95 11.64 7.25 -29.79
C SER C 95 12.88 6.37 -29.86
N ARG C 96 13.38 6.13 -31.08
CA ARG C 96 14.48 5.21 -31.28
C ARG C 96 15.73 5.65 -30.49
N VAL C 97 15.96 6.96 -30.38
CA VAL C 97 17.18 7.42 -29.75
C VAL C 97 17.23 7.02 -28.28
N THR C 98 16.07 6.94 -27.62
CA THR C 98 16.07 6.48 -26.23
C THR C 98 16.54 5.04 -26.13
N TYR C 99 16.24 4.22 -27.13
CA TYR C 99 16.80 2.88 -27.18
C TYR C 99 18.30 2.93 -27.50
N LYS C 100 18.70 3.86 -28.37
CA LYS C 100 20.11 3.97 -28.73
C LYS C 100 20.97 4.37 -27.53
N ASN C 101 20.40 5.08 -26.56
CA ASN C 101 21.14 5.50 -25.38
C ASN C 101 21.12 4.47 -24.26
N VAL C 102 20.42 3.35 -24.46
CA VAL C 102 20.39 2.31 -23.42
C VAL C 102 21.79 1.86 -23.05
N PRO C 103 22.71 1.64 -23.98
CA PRO C 103 24.07 1.22 -23.58
C PRO C 103 24.82 2.28 -22.76
N ASN C 104 24.61 3.56 -23.04
CA ASN C 104 25.24 4.60 -22.22
C ASN C 104 24.77 4.51 -20.78
N TRP C 105 23.45 4.37 -20.58
CA TRP C 105 22.92 4.22 -19.22
C TRP C 105 23.44 2.95 -18.56
N HIS C 106 23.42 1.84 -19.30
CA HIS C 106 23.92 0.57 -18.78
C HIS C 106 25.35 0.72 -18.27
N ARG C 107 26.22 1.36 -19.07
CA ARG C 107 27.62 1.46 -18.67
C ARG C 107 27.79 2.42 -17.50
N ASP C 108 27.15 3.60 -17.57
CA ASP C 108 27.21 4.53 -16.44
C ASP C 108 26.75 3.86 -15.15
N LEU C 109 25.79 2.94 -15.24
CA LEU C 109 25.24 2.28 -14.05
C LEU C 109 26.17 1.21 -13.53
N VAL C 110 26.56 0.26 -14.39
CA VAL C 110 27.42 -0.82 -13.94
C VAL C 110 28.79 -0.32 -13.54
N ARG C 111 29.19 0.87 -13.98
CA ARG C 111 30.46 1.44 -13.55
C ARG C 111 30.50 1.62 -12.03
N VAL C 112 29.40 2.11 -11.45
CA VAL C 112 29.36 2.37 -10.02
C VAL C 112 28.71 1.23 -9.24
N CYS C 113 27.89 0.40 -9.88
CA CYS C 113 27.11 -0.60 -9.17
C CYS C 113 27.52 -2.04 -9.45
N GLU C 114 28.24 -2.31 -10.54
CA GLU C 114 28.78 -3.65 -10.81
C GLU C 114 27.58 -4.58 -11.12
N ASN C 115 27.59 -5.80 -10.60
CA ASN C 115 26.66 -6.85 -10.97
C ASN C 115 25.41 -6.72 -10.12
N ILE C 116 24.50 -5.87 -10.57
CA ILE C 116 23.18 -5.76 -9.96
C ILE C 116 22.17 -6.30 -10.96
N PRO C 117 21.04 -6.86 -10.51
CA PRO C 117 19.99 -7.23 -11.46
C PRO C 117 19.38 -5.99 -12.11
N ILE C 118 19.17 -6.09 -13.42
CA ILE C 118 18.70 -4.97 -14.23
C ILE C 118 17.60 -5.47 -15.14
N VAL C 119 16.51 -4.70 -15.22
CA VAL C 119 15.42 -5.00 -16.14
C VAL C 119 15.33 -3.89 -17.17
N LEU C 120 15.12 -4.27 -18.44
CA LEU C 120 14.94 -3.33 -19.54
C LEU C 120 13.46 -3.21 -19.84
N CYS C 121 12.96 -1.98 -19.90
CA CYS C 121 11.55 -1.73 -20.09
C CYS C 121 11.33 -0.78 -21.26
N GLY C 122 10.48 -1.21 -22.20
CA GLY C 122 10.05 -0.35 -23.29
C GLY C 122 8.67 0.20 -23.02
N ASN C 123 8.59 1.50 -22.75
CA ASN C 123 7.37 2.14 -22.28
C ASN C 123 6.56 2.71 -23.44
N LYS C 124 5.29 3.00 -23.14
CA LYS C 124 4.36 3.64 -24.06
C LYS C 124 3.90 2.70 -25.17
N VAL C 125 3.75 1.41 -24.85
CA VAL C 125 3.28 0.45 -25.85
C VAL C 125 1.80 0.59 -26.15
N ASP C 126 1.08 1.44 -25.40
CA ASP C 126 -0.32 1.72 -25.71
C ASP C 126 -0.48 2.58 -26.95
N ILE C 127 0.61 3.17 -27.45
CA ILE C 127 0.55 4.06 -28.59
C ILE C 127 0.60 3.25 -29.88
N LYS C 128 -0.31 3.54 -30.81
CA LYS C 128 -0.39 2.80 -32.06
C LYS C 128 0.94 2.85 -32.81
N ASP C 129 1.44 4.05 -33.07
CA ASP C 129 2.60 4.26 -33.94
C ASP C 129 3.87 3.88 -33.19
N ARG C 130 4.09 2.57 -33.06
CA ARG C 130 5.23 2.04 -32.32
C ARG C 130 6.45 1.98 -33.23
N LYS C 131 7.52 2.67 -32.83
CA LYS C 131 8.72 2.75 -33.65
C LYS C 131 9.72 1.63 -33.34
N VAL C 132 9.89 1.28 -32.06
CA VAL C 132 10.84 0.25 -31.66
C VAL C 132 10.02 -1.01 -31.36
N LYS C 133 9.91 -1.87 -32.35
CA LYS C 133 9.15 -3.11 -32.21
C LYS C 133 10.04 -4.25 -31.71
N ALA C 134 9.40 -5.39 -31.44
CA ALA C 134 10.09 -6.49 -30.79
C ALA C 134 11.35 -6.92 -31.54
N LYS C 135 11.27 -7.02 -32.87
CA LYS C 135 12.39 -7.57 -33.62
C LYS C 135 13.66 -6.74 -33.45
N SER C 136 13.52 -5.45 -33.14
CA SER C 136 14.68 -4.57 -32.98
C SER C 136 15.25 -4.58 -31.57
N ILE C 137 14.44 -4.90 -30.56
CA ILE C 137 14.89 -4.87 -29.18
C ILE C 137 15.80 -6.09 -28.96
N VAL C 138 17.11 -5.83 -28.82
CA VAL C 138 18.07 -6.93 -28.74
C VAL C 138 19.16 -6.70 -27.69
N PHE C 139 19.20 -5.51 -27.11
CA PHE C 139 20.28 -5.22 -26.17
C PHE C 139 20.23 -6.15 -24.96
N HIS C 140 19.02 -6.46 -24.48
CA HIS C 140 18.91 -7.34 -23.31
C HIS C 140 19.48 -8.72 -23.60
N ARG C 141 19.31 -9.21 -24.83
CA ARG C 141 19.86 -10.52 -25.19
C ARG C 141 21.37 -10.48 -25.31
N LYS C 142 21.96 -9.31 -25.54
CA LYS C 142 23.42 -9.20 -25.60
C LYS C 142 24.04 -9.24 -24.23
N LYS C 143 23.36 -8.70 -23.22
CA LYS C 143 23.86 -8.66 -21.85
C LYS C 143 23.10 -9.62 -20.93
N ASN C 144 22.33 -10.54 -21.50
CA ASN C 144 21.55 -11.51 -20.74
C ASN C 144 20.75 -10.84 -19.64
N LEU C 145 19.84 -9.97 -20.05
CA LEU C 145 18.94 -9.27 -19.14
C LEU C 145 17.50 -9.57 -19.51
N GLN C 146 16.60 -9.29 -18.56
CA GLN C 146 15.17 -9.44 -18.79
C GLN C 146 14.61 -8.19 -19.44
N TYR C 147 13.61 -8.37 -20.30
CA TYR C 147 12.94 -7.25 -20.97
C TYR C 147 11.42 -7.37 -20.83
N TYR C 148 10.76 -6.21 -20.73
CA TYR C 148 9.30 -6.17 -20.77
C TYR C 148 8.82 -4.95 -21.55
N ASP C 149 7.74 -5.16 -22.32
CA ASP C 149 6.89 -4.05 -22.72
C ASP C 149 6.08 -3.57 -21.53
N ILE C 150 6.01 -2.25 -21.34
CA ILE C 150 5.16 -1.67 -20.31
C ILE C 150 4.43 -0.46 -20.89
N SER C 151 3.33 -0.11 -20.24
CA SER C 151 2.61 1.15 -20.51
C SER C 151 2.24 1.74 -19.14
N ALA C 152 3.02 2.73 -18.69
CA ALA C 152 2.73 3.37 -17.41
C ALA C 152 1.30 3.87 -17.33
N LYS C 153 0.80 4.49 -18.40
CA LYS C 153 -0.50 5.13 -18.37
C LYS C 153 -1.66 4.14 -18.27
N SER C 154 -1.44 2.88 -18.66
CA SER C 154 -2.48 1.87 -18.58
C SER C 154 -2.20 0.80 -17.53
N ASN C 155 -1.11 0.94 -16.79
CA ASN C 155 -0.64 -0.06 -15.82
C ASN C 155 -0.30 -1.39 -16.48
N TYR C 156 -0.19 -1.45 -17.80
CA TYR C 156 0.09 -2.70 -18.48
C TYR C 156 1.45 -3.23 -18.05
N ASN C 157 1.45 -4.48 -17.55
CA ASN C 157 2.67 -5.17 -17.12
C ASN C 157 3.39 -4.42 -15.99
N PHE C 158 2.69 -3.59 -15.24
CA PHE C 158 3.38 -2.76 -14.25
C PHE C 158 4.21 -3.60 -13.29
N GLU C 159 3.70 -4.76 -12.90
CA GLU C 159 4.34 -5.55 -11.84
C GLU C 159 5.45 -6.44 -12.35
N LYS C 160 5.59 -6.64 -13.66
CA LYS C 160 6.55 -7.60 -14.17
C LYS C 160 7.98 -7.27 -13.76
N PRO C 161 8.49 -6.06 -13.99
CA PRO C 161 9.90 -5.79 -13.63
C PRO C 161 10.18 -6.06 -12.17
N PHE C 162 9.27 -5.62 -11.29
CA PHE C 162 9.49 -5.78 -9.86
C PHE C 162 9.43 -7.24 -9.45
N LEU C 163 8.57 -8.03 -10.09
CA LEU C 163 8.54 -9.46 -9.79
C LEU C 163 9.83 -10.15 -10.20
N TRP C 164 10.33 -9.83 -11.40
CA TRP C 164 11.58 -10.46 -11.84
C TRP C 164 12.73 -10.08 -10.91
N LEU C 165 12.82 -8.78 -10.58
CA LEU C 165 13.87 -8.32 -9.68
C LEU C 165 13.75 -8.96 -8.30
N ALA C 166 12.53 -9.08 -7.78
CA ALA C 166 12.35 -9.70 -6.46
C ALA C 166 12.80 -11.16 -6.48
N ARG C 167 12.41 -11.89 -7.53
CA ARG C 167 12.86 -13.26 -7.66
C ARG C 167 14.38 -13.35 -7.66
N LYS C 168 15.04 -12.50 -8.43
CA LYS C 168 16.50 -12.56 -8.49
C LYS C 168 17.14 -12.21 -7.15
N LEU C 169 16.71 -11.10 -6.54
CA LEU C 169 17.33 -10.61 -5.32
C LEU C 169 17.09 -11.57 -4.14
N ILE C 170 15.94 -12.23 -4.10
CA ILE C 170 15.67 -13.15 -3.01
C ILE C 170 16.27 -14.53 -3.25
N GLY C 171 16.54 -14.88 -4.50
CA GLY C 171 17.00 -16.22 -4.81
C GLY C 171 15.90 -17.26 -4.79
N ASP C 172 14.66 -16.86 -5.06
CA ASP C 172 13.51 -17.76 -5.08
C ASP C 172 12.78 -17.55 -6.40
N PRO C 173 13.03 -18.41 -7.40
CA PRO C 173 12.40 -18.19 -8.71
C PRO C 173 10.90 -18.50 -8.73
N ASN C 174 10.33 -18.95 -7.61
CA ASN C 174 8.91 -19.24 -7.51
C ASN C 174 8.14 -18.20 -6.72
N LEU C 175 8.80 -17.10 -6.35
CA LEU C 175 8.14 -16.02 -5.61
C LEU C 175 6.97 -15.46 -6.41
N GLU C 176 5.88 -15.15 -5.71
CA GLU C 176 4.67 -14.61 -6.34
C GLU C 176 4.22 -13.37 -5.59
N PHE C 177 3.49 -12.50 -6.29
CA PHE C 177 2.78 -11.37 -5.68
C PHE C 177 1.36 -11.84 -5.38
N VAL C 178 1.00 -11.96 -4.09
CA VAL C 178 -0.32 -12.47 -3.75
C VAL C 178 -1.42 -11.47 -4.10
N ALA C 179 -1.08 -10.18 -4.22
CA ALA C 179 -2.05 -9.15 -4.55
C ALA C 179 -1.31 -7.99 -5.21
N MET C 180 -1.99 -7.35 -6.16
CA MET C 180 -1.41 -6.18 -6.81
C MET C 180 -1.46 -4.99 -5.87
N PRO C 181 -0.46 -4.11 -5.90
CA PRO C 181 -0.56 -2.86 -5.15
C PRO C 181 -1.68 -2.00 -5.71
N ALA C 182 -2.20 -1.11 -4.87
CA ALA C 182 -3.15 -0.10 -5.33
C ALA C 182 -2.48 0.80 -6.36
N LEU C 183 -3.02 0.82 -7.57
CA LEU C 183 -2.47 1.59 -8.68
C LEU C 183 -3.44 2.68 -9.12
N ALA C 184 -2.89 3.79 -9.61
CA ALA C 184 -3.71 4.83 -10.20
C ALA C 184 -4.54 4.24 -11.35
N PRO C 185 -5.82 4.58 -11.46
CA PRO C 185 -6.64 3.99 -12.52
C PRO C 185 -6.04 4.27 -13.89
N PRO C 186 -6.24 3.37 -14.84
CA PRO C 186 -5.72 3.60 -16.19
C PRO C 186 -6.25 4.91 -16.77
N GLU C 187 -5.33 5.70 -17.32
CA GLU C 187 -5.71 6.91 -18.04
C GLU C 187 -6.00 6.63 -19.51
N VAL C 188 -5.39 5.58 -20.07
CA VAL C 188 -5.69 5.10 -21.42
C VAL C 188 -5.98 3.61 -21.33
N VAL C 189 -6.59 3.09 -22.38
CA VAL C 189 -6.88 1.66 -22.47
C VAL C 189 -5.74 0.98 -23.22
N MET C 190 -5.34 -0.19 -22.74
CA MET C 190 -4.41 -1.06 -23.44
C MET C 190 -5.24 -2.15 -24.10
N ASP C 191 -5.41 -2.06 -25.42
CA ASP C 191 -6.24 -3.00 -26.14
C ASP C 191 -5.78 -4.42 -25.85
N PRO C 192 -6.66 -5.30 -25.33
CA PRO C 192 -6.18 -6.63 -24.94
C PRO C 192 -5.57 -7.40 -26.10
N ALA C 193 -6.17 -7.31 -27.29
CA ALA C 193 -5.64 -8.02 -28.44
C ALA C 193 -4.30 -7.45 -28.89
N LEU C 194 -4.13 -6.14 -28.76
CA LEU C 194 -2.83 -5.53 -29.08
C LEU C 194 -1.76 -6.03 -28.11
N ALA C 195 -2.11 -6.20 -26.84
CA ALA C 195 -1.17 -6.75 -25.87
C ALA C 195 -0.81 -8.18 -26.21
N ALA C 196 -1.82 -9.00 -26.55
CA ALA C 196 -1.55 -10.37 -26.97
C ALA C 196 -0.61 -10.39 -28.17
N GLN C 197 -0.86 -9.51 -29.15
CA GLN C 197 -0.02 -9.47 -30.34
C GLN C 197 1.41 -9.10 -30.00
N TYR C 198 1.60 -8.12 -29.11
CA TYR C 198 2.96 -7.70 -28.75
C TYR C 198 3.68 -8.80 -27.98
N GLU C 199 2.99 -9.52 -27.11
CA GLU C 199 3.62 -10.62 -26.39
C GLU C 199 4.01 -11.74 -27.34
N HIS C 200 3.14 -12.07 -28.31
CA HIS C 200 3.50 -13.07 -29.30
C HIS C 200 4.68 -12.60 -30.14
N ASP C 201 4.71 -11.31 -30.49
CA ASP C 201 5.86 -10.77 -31.23
C ASP C 201 7.14 -10.95 -30.44
N LEU C 202 7.10 -10.66 -29.14
CA LEU C 202 8.29 -10.84 -28.30
C LEU C 202 8.73 -12.30 -28.29
N GLU C 203 7.78 -13.23 -28.23
CA GLU C 203 8.15 -14.64 -28.22
C GLU C 203 8.80 -15.05 -29.54
N VAL C 204 8.18 -14.69 -30.66
CA VAL C 204 8.74 -15.06 -31.96
C VAL C 204 10.11 -14.42 -32.14
N ALA C 205 10.29 -13.19 -31.66
CA ALA C 205 11.60 -12.56 -31.74
C ALA C 205 12.62 -13.27 -30.86
N GLN C 206 12.17 -13.84 -29.73
CA GLN C 206 13.05 -14.70 -28.95
C GLN C 206 13.43 -15.94 -29.76
N THR C 207 12.52 -16.41 -30.62
CA THR C 207 12.86 -17.50 -31.52
C THR C 207 13.77 -17.03 -32.64
N THR C 208 13.66 -15.78 -33.07
CA THR C 208 14.47 -15.29 -34.18
C THR C 208 15.92 -15.13 -33.74
N ALA C 209 16.83 -15.39 -34.68
CA ALA C 209 18.26 -15.26 -34.41
C ALA C 209 18.65 -13.79 -34.30
N LEU C 210 19.62 -13.53 -33.43
CA LEU C 210 20.08 -12.16 -33.24
C LEU C 210 20.72 -11.62 -34.52
N PRO C 211 20.41 -10.39 -34.92
CA PRO C 211 21.10 -9.81 -36.06
C PRO C 211 22.55 -9.51 -35.74
N ASP C 212 23.41 -9.63 -36.76
CA ASP C 212 24.82 -9.34 -36.58
C ASP C 212 25.03 -7.85 -36.39
N GLU C 213 25.86 -7.49 -35.39
CA GLU C 213 26.10 -6.08 -35.10
C GLU C 213 26.73 -5.37 -36.29
N ASP C 214 27.63 -6.04 -36.99
CA ASP C 214 28.30 -5.44 -38.15
C ASP C 214 27.30 -5.12 -39.24
N SER D 5 7.81 -19.33 3.33
CA SER D 5 7.64 -18.95 4.73
C SER D 5 8.04 -17.50 4.96
N GLY D 6 9.34 -17.22 4.90
CA GLY D 6 9.83 -15.88 5.12
C GLY D 6 11.21 -15.71 4.52
N PHE D 7 11.70 -14.48 4.58
CA PHE D 7 13.01 -14.15 4.03
C PHE D 7 14.11 -14.48 5.03
N GLY D 8 15.27 -14.84 4.51
CA GLY D 8 16.37 -15.26 5.37
C GLY D 8 16.95 -14.12 6.17
N ASP D 9 17.71 -14.50 7.20
CA ASP D 9 18.39 -13.51 8.02
C ASP D 9 19.45 -12.75 7.22
N LYS D 10 19.95 -13.33 6.13
CA LYS D 10 20.94 -12.65 5.31
C LYS D 10 20.43 -11.30 4.83
N PHE D 11 19.11 -11.14 4.70
CA PHE D 11 18.53 -9.87 4.31
C PHE D 11 18.30 -8.93 5.48
N LYS D 12 18.76 -9.31 6.68
CA LYS D 12 18.70 -8.42 7.82
C LYS D 12 19.78 -7.35 7.72
N ARG D 13 19.52 -6.21 8.36
CA ARG D 13 20.48 -5.11 8.33
C ARG D 13 21.78 -5.51 9.03
N PRO D 14 22.92 -5.01 8.55
CA PRO D 14 24.18 -5.29 9.23
C PRO D 14 24.21 -4.67 10.63
N VAL D 15 25.12 -5.18 11.45
CA VAL D 15 25.24 -4.72 12.83
C VAL D 15 25.74 -3.28 12.84
N GLY D 16 25.07 -2.43 13.61
CA GLY D 16 25.45 -1.03 13.71
C GLY D 16 25.07 -0.17 12.52
N SER D 17 24.51 -0.76 11.47
CA SER D 17 24.13 0.01 10.30
C SER D 17 23.00 0.98 10.64
N TRP D 18 23.00 2.13 9.96
CA TRP D 18 21.98 3.15 10.15
C TRP D 18 21.37 3.51 8.81
N GLU D 19 20.04 3.48 8.75
CA GLU D 19 19.31 3.88 7.55
C GLU D 19 19.22 5.40 7.47
N CYS D 20 19.65 5.95 6.35
CA CYS D 20 19.61 7.40 6.17
C CYS D 20 18.17 7.89 6.20
N PRO D 21 17.81 8.81 7.10
CA PRO D 21 16.40 9.24 7.16
C PRO D 21 15.94 10.06 5.98
N VAL D 22 16.87 10.59 5.16
CA VAL D 22 16.46 11.41 4.03
C VAL D 22 16.26 10.58 2.76
N CYS D 23 17.04 9.52 2.57
CA CYS D 23 17.03 8.77 1.33
C CYS D 23 16.93 7.26 1.48
N CYS D 24 16.98 6.72 2.70
CA CYS D 24 16.73 5.33 3.02
C CYS D 24 17.89 4.40 2.65
N VAL D 25 19.08 4.92 2.41
CA VAL D 25 20.22 4.07 2.10
C VAL D 25 20.82 3.54 3.39
N SER D 26 21.29 2.30 3.36
CA SER D 26 21.94 1.69 4.51
C SER D 26 23.41 2.11 4.56
N ASN D 27 23.83 2.61 5.71
CA ASN D 27 25.18 3.12 5.90
C ASN D 27 25.90 2.35 7.00
N LYS D 28 27.23 2.42 6.98
CA LYS D 28 28.04 1.72 7.95
C LYS D 28 28.08 2.47 9.27
N ALA D 29 28.45 1.76 10.33
CA ALA D 29 28.53 2.38 11.64
C ALA D 29 29.58 3.48 11.68
N GLU D 30 30.73 3.25 11.03
CA GLU D 30 31.84 4.19 11.09
C GLU D 30 31.73 5.32 10.09
N ASP D 31 30.63 5.42 9.35
CA ASP D 31 30.40 6.53 8.43
C ASP D 31 29.53 7.57 9.12
N SER D 32 30.09 8.77 9.33
CA SER D 32 29.34 9.83 10.02
C SER D 32 28.24 10.39 9.14
N ARG D 33 28.39 10.32 7.82
CA ARG D 33 27.43 10.86 6.88
C ARG D 33 27.03 9.79 5.87
N CYS D 34 25.89 10.02 5.21
CA CYS D 34 25.35 9.04 4.29
C CYS D 34 26.20 8.97 3.02
N VAL D 35 26.64 7.77 2.67
CA VAL D 35 27.51 7.57 1.53
C VAL D 35 26.83 7.93 0.21
N SER D 36 25.51 8.10 0.22
CA SER D 36 24.76 8.41 -1.00
C SER D 36 24.41 9.88 -1.11
N CYS D 37 23.81 10.45 -0.06
CA CYS D 37 23.30 11.83 -0.12
C CYS D 37 24.01 12.77 0.85
N THR D 38 25.05 12.30 1.52
CA THR D 38 25.92 13.13 2.35
C THR D 38 25.22 13.75 3.55
N SER D 39 23.96 13.42 3.78
CA SER D 39 23.29 13.85 5.00
C SER D 39 23.92 13.12 6.20
N GLU D 40 24.02 13.83 7.33
CA GLU D 40 24.76 13.32 8.46
C GLU D 40 23.88 12.44 9.35
N LYS D 41 24.48 11.38 9.90
CA LYS D 41 23.82 10.46 10.82
C LYS D 41 23.01 11.24 11.84
N PRO D 42 21.69 11.00 11.94
CA PRO D 42 20.86 11.82 12.84
C PRO D 42 21.28 11.75 14.29
PB GDP E . -11.75 -11.67 17.20
O1B GDP E . -11.64 -12.40 18.52
O2B GDP E . -10.48 -10.87 16.96
O3B GDP E . -12.95 -10.74 17.17
O3A GDP E . -12.03 -12.73 16.00
PA GDP E . -10.88 -13.53 15.16
O1A GDP E . -9.79 -13.98 16.11
O2A GDP E . -10.33 -12.64 14.05
O5' GDP E . -11.68 -14.83 14.50
C5' GDP E . -12.15 -15.80 15.41
C4' GDP E . -12.52 -17.07 14.53
O4' GDP E . -13.61 -16.55 13.53
C3' GDP E . -11.54 -17.40 13.85
O3' GDP E . -11.52 -18.90 13.73
C2' GDP E . -11.74 -16.77 12.32
O2' GDP E . -11.06 -17.64 11.36
C1' GDP E . -12.99 -16.89 12.15
N9 GDP E . -13.62 -16.03 11.10
C8 GDP E . -13.32 -14.71 11.28
N7 GDP E . -13.91 -14.02 10.30
C5 GDP E . -14.57 -14.88 9.52
C6 GDP E . -15.43 -14.73 8.25
O6 GDP E . -15.61 -13.65 7.77
N1 GDP E . -16.02 -15.89 7.66
C2 GDP E . -15.80 -17.19 8.24
N2 GDP E . -16.38 -18.40 7.66
N3 GDP E . -14.98 -17.33 9.44
C4 GDP E . -14.39 -16.12 10.05
H5' GDP E . -11.45 -16.03 16.05
H5'' GDP E . -12.93 -15.48 15.88
H4' GDP E . -12.82 -17.84 15.03
H3' GDP E . -10.74 -17.04 14.27
HO3' GDP E . -10.79 -19.22 14.04
H2' GDP E . -11.43 -15.86 12.23
HO2' GDP E . -10.30 -17.31 11.19
H1' GDP E . -13.14 -17.81 11.88
H8 GDP E . -12.81 -14.36 11.97
HN1 GDP E . -16.50 -15.82 6.94
HN21 GDP E . -16.23 -19.17 8.04
HN22 GDP E . -16.86 -18.35 6.96
MG MG F . -8.72 -10.48 17.96
ZN ZN G . 0.52 6.80 22.45
PB GDP H . 10.75 11.04 -17.45
O1B GDP H . 10.50 11.05 -15.96
O2B GDP H . 11.42 12.35 -17.82
O3B GDP H . 11.65 9.88 -17.82
O3A GDP H . 9.34 10.90 -18.27
PA GDP H . 7.92 11.47 -17.68
O1A GDP H . 7.41 10.54 -16.60
O2A GDP H . 8.12 12.87 -17.10
O5' GDP H . 6.82 11.51 -18.93
C5' GDP H . 7.18 12.27 -20.06
C4' GDP H . 5.92 12.42 -21.03
O4' GDP H . 5.66 10.98 -21.60
C3' GDP H . 4.92 12.77 -20.39
O3' GDP H . 4.16 13.79 -21.18
C2' GDP H . 3.95 11.41 -20.19
O2' GDP H . 2.55 11.79 -20.18
C1' GDP H . 4.18 10.73 -21.24
N9 GDP H . 3.93 9.25 -21.11
C8 GDP H . 4.77 8.77 -20.16
N7 GDP H . 4.54 7.45 -20.05
C5 GDP H . 3.59 7.12 -20.92
C6 GDP H . 2.91 5.79 -21.27
O6 GDP H . 3.22 4.79 -20.69
N1 GDP H . 1.90 5.75 -22.28
C2 GDP H . 1.52 6.96 -22.97
N2 GDP H . 0.49 6.94 -24.01
N3 GDP H . 2.18 8.23 -22.63
C4 GDP H . 3.22 8.25 -21.59
H5' GDP H . 7.90 11.84 -20.53
H5'' GDP H . 7.47 13.16 -19.78
H4' GDP H . 6.05 13.06 -21.74
H3' GDP H . 5.18 13.10 -19.52
HO3' GDP H . 3.99 14.46 -20.69
H2' GDP H . 4.20 10.94 -19.38
HO2' GDP H . 2.24 11.71 -19.39
H1' GDP H . 3.56 11.08 -21.91
H8 GDP H . 5.40 9.25 -19.68
HN1 GDP H . 1.51 5.01 -22.48
HN21 GDP H . 0.28 7.67 -24.41
HN22 GDP H . 0.10 6.21 -24.22
MG MG I . 10.96 12.40 -14.47
ZN ZN J . 21.10 9.33 2.53
#